data_8UYJ
#
_entry.id   8UYJ
#
_entity_poly.entity_id   1
_entity_poly.type   'polyribonucleotide'
_entity_poly.pdbx_seq_one_letter_code
;GGAGCAUCGUGUCUCAAGUGCUUCACGGUCACAAUAUACCGUUUCGUCGGGUGCGUGGCAAUUCGGUGCACAUCAUGUCU
UUCGUGGCUGGUGUGGCUCCUCAAGGUGCGAGGGGCAAGUAUAGAGCAGAGCUCC
;
_entity_poly.pdbx_strand_id   A
#
loop_
_chem_comp.id
_chem_comp.type
_chem_comp.name
_chem_comp.formula
A RNA linking ADENOSINE-5'-MONOPHOSPHATE 'C10 H14 N5 O7 P'
C RNA linking CYTIDINE-5'-MONOPHOSPHATE 'C9 H14 N3 O8 P'
G RNA linking GUANOSINE-5'-MONOPHOSPHATE 'C10 H14 N5 O8 P'
U RNA linking URIDINE-5'-MONOPHOSPHATE 'C9 H13 N2 O9 P'
#